data_8SBB
#
_entry.id   8SBB
#
_cell.length_a   1.00
_cell.length_b   1.00
_cell.length_c   1.00
_cell.angle_alpha   90.00
_cell.angle_beta   90.00
_cell.angle_gamma   90.00
#
_symmetry.space_group_name_H-M   'P 1'
#
loop_
_entity.id
_entity.type
_entity.pdbx_description
1 polymer 'Alkane 1-monooxygenase'
2 polymer Nanobody
3 non-polymer 'FE (III) ION'
4 non-polymer DODECANE
#
loop_
_entity_poly.entity_id
_entity_poly.type
_entity_poly.pdbx_seq_one_letter_code
_entity_poly.pdbx_strand_id
1 'polypeptide(L)'
;MATSMGSHPGFGADSSGTIAYRDRKRPFWTLSVLWPVSPLIGIYLAHTTGVGAFFWLTLAVWYLIIPLLDWVLGDDQSNP
PEAVVPALESDRYYRILTYLTVPIHYVVLIGSAWYVSTHYGSMTWYDILGLALSVGIVNGLAINTGHELGHKKTELERWL
AKIVLAVVGYGHFFIEHNKGHHKDVATPEDPASAPFGQSIYRFALREIPGAIIRAWNSEKERLGRLGHSPWSLQNEVLQP
LLITIPLYVGLIAVLGVKIIPFLLIQIVFGWWQLTSANYIEHYGLLRQKLPDGRYERCQPYHSWNSNHVMSNLILFHLQR
HSDHHAHPTRRYQSLRDFPDLPTLPSGYPLMFALSYFPPLWRAVMDRRVLDVCGRDARKINIDPNQREKIIHKFNLLTG
;
A
2 'polypeptide(L)'
;MAQVQLQESGGGLVQAGGSLRLSCAASGTISRYWTMGWYRQAPGKERELVAGISEGGSTNYADSVKGRFTISRDNAKNTV
YLQMNSLKPEDTAVYYCAVTYRGPWFNRDPHYYWGQGTQVTVSSHHHHHH
;
B
#
# COMPACT_ATOMS: atom_id res chain seq x y z
N ILE A 19 -1.44 25.02 11.92
CA ILE A 19 -0.44 23.97 11.77
C ILE A 19 -1.05 22.65 12.22
N ALA A 20 -1.91 22.10 11.38
CA ALA A 20 -2.68 20.93 11.74
C ALA A 20 -2.93 20.07 10.52
N TYR A 21 -3.03 18.79 10.74
CA TYR A 21 -3.35 17.77 9.76
C TYR A 21 -4.70 17.26 9.90
N ARG A 22 -5.69 18.15 9.88
CA ARG A 22 -7.08 17.63 9.89
C ARG A 22 -7.26 16.75 8.65
N ASP A 23 -7.71 15.50 8.81
CA ASP A 23 -7.86 14.61 7.69
C ASP A 23 -8.88 15.14 6.69
N ARG A 24 -9.12 14.42 5.62
CA ARG A 24 -10.19 14.80 4.71
C ARG A 24 -11.05 13.61 4.35
N LYS A 25 -10.44 12.45 4.22
CA LYS A 25 -11.12 11.26 3.77
C LYS A 25 -11.53 10.37 4.92
N ARG A 26 -11.42 10.86 6.16
CA ARG A 26 -11.49 9.99 7.33
C ARG A 26 -12.74 9.12 7.39
N PRO A 27 -13.96 9.64 7.34
CA PRO A 27 -15.10 8.73 7.43
C PRO A 27 -15.21 7.81 6.25
N PHE A 28 -14.72 8.20 5.08
CA PHE A 28 -14.98 7.49 3.85
C PHE A 28 -14.00 6.37 3.56
N TRP A 29 -13.29 5.85 4.55
CA TRP A 29 -12.49 4.68 4.28
C TRP A 29 -13.25 3.38 4.46
N THR A 30 -14.52 3.41 4.88
CA THR A 30 -15.31 2.18 5.02
C THR A 30 -16.00 1.77 3.72
N LEU A 31 -16.02 2.65 2.75
CA LEU A 31 -16.39 2.21 1.43
C LEU A 31 -15.51 1.07 0.97
N SER A 32 -14.37 0.85 1.62
CA SER A 32 -13.50 -0.26 1.28
C SER A 32 -14.02 -1.57 1.84
N VAL A 33 -14.81 -1.53 2.90
CA VAL A 33 -15.58 -2.71 3.26
C VAL A 33 -16.62 -2.96 2.21
N LEU A 34 -17.21 -1.89 1.71
CA LEU A 34 -18.26 -2.10 0.70
C LEU A 34 -17.71 -2.79 -0.54
N TRP A 35 -16.81 -2.14 -1.27
CA TRP A 35 -16.56 -2.49 -2.68
C TRP A 35 -16.37 -3.96 -2.96
N PRO A 36 -15.75 -4.76 -2.09
CA PRO A 36 -15.58 -6.18 -2.42
C PRO A 36 -16.85 -6.96 -2.62
N VAL A 37 -18.02 -6.37 -2.40
CA VAL A 37 -19.27 -7.09 -2.55
C VAL A 37 -20.06 -6.61 -3.77
N SER A 38 -19.38 -6.06 -4.76
CA SER A 38 -20.10 -5.52 -5.90
C SER A 38 -20.65 -6.58 -6.84
N PRO A 39 -19.96 -7.69 -7.12
CA PRO A 39 -20.60 -8.74 -7.91
C PRO A 39 -21.81 -9.36 -7.24
N LEU A 40 -21.82 -9.44 -5.91
CA LEU A 40 -22.93 -10.10 -5.23
C LEU A 40 -24.21 -9.28 -5.32
N ILE A 41 -24.15 -7.99 -4.97
CA ILE A 41 -25.37 -7.21 -5.10
C ILE A 41 -25.65 -6.94 -6.56
N GLY A 42 -24.63 -7.02 -7.41
CA GLY A 42 -24.91 -7.08 -8.82
C GLY A 42 -25.81 -8.25 -9.17
N ILE A 43 -25.51 -9.42 -8.62
CA ILE A 43 -26.35 -10.59 -8.85
C ILE A 43 -27.75 -10.36 -8.34
N TYR A 44 -27.87 -10.03 -7.06
CA TYR A 44 -29.19 -9.83 -6.47
C TYR A 44 -30.01 -8.89 -7.31
N LEU A 45 -29.47 -7.73 -7.61
CA LEU A 45 -30.21 -6.78 -8.40
C LEU A 45 -30.60 -7.37 -9.75
N ALA A 46 -29.69 -8.12 -10.39
CA ALA A 46 -29.96 -8.63 -11.74
C ALA A 46 -30.99 -9.73 -11.72
N HIS A 47 -31.23 -10.32 -10.57
CA HIS A 47 -32.23 -11.37 -10.49
C HIS A 47 -33.58 -10.82 -10.06
N THR A 48 -33.56 -9.80 -9.21
CA THR A 48 -34.82 -9.23 -8.78
C THR A 48 -35.43 -8.36 -9.87
N THR A 49 -34.65 -7.46 -10.45
CA THR A 49 -35.25 -6.59 -11.44
C THR A 49 -35.57 -7.30 -12.73
N GLY A 50 -34.86 -8.38 -13.06
CA GLY A 50 -35.12 -9.08 -14.30
C GLY A 50 -34.65 -8.37 -15.55
N VAL A 51 -33.39 -8.02 -15.63
CA VAL A 51 -32.74 -7.57 -16.84
C VAL A 51 -31.45 -8.37 -16.92
N GLY A 52 -30.59 -8.06 -17.86
CA GLY A 52 -29.44 -8.91 -17.94
C GLY A 52 -28.12 -8.26 -17.70
N ALA A 53 -27.97 -6.99 -18.01
CA ALA A 53 -26.66 -6.37 -17.93
C ALA A 53 -26.15 -6.26 -16.51
N PHE A 54 -27.02 -6.31 -15.52
CA PHE A 54 -26.63 -5.97 -14.16
C PHE A 54 -25.60 -6.90 -13.55
N PHE A 55 -25.15 -7.93 -14.25
CA PHE A 55 -23.97 -8.60 -13.74
C PHE A 55 -22.72 -7.82 -14.11
N TRP A 56 -22.68 -7.28 -15.31
CA TRP A 56 -21.59 -6.42 -15.73
C TRP A 56 -21.70 -5.09 -15.00
N LEU A 57 -21.49 -5.11 -13.69
CA LEU A 57 -21.64 -3.88 -12.94
C LEU A 57 -20.32 -3.43 -12.34
N THR A 58 -19.49 -4.36 -11.90
CA THR A 58 -18.16 -3.97 -11.48
C THR A 58 -17.36 -3.43 -12.64
N LEU A 59 -17.51 -3.99 -13.81
CA LEU A 59 -16.79 -3.52 -14.97
C LEU A 59 -17.23 -2.14 -15.39
N ALA A 60 -18.40 -1.69 -15.00
CA ALA A 60 -18.77 -0.33 -15.25
C ALA A 60 -18.37 0.60 -14.14
N VAL A 61 -18.58 0.22 -12.89
CA VAL A 61 -18.07 1.01 -11.79
C VAL A 61 -16.58 1.29 -11.95
N TRP A 62 -15.78 0.31 -12.35
CA TRP A 62 -14.35 0.49 -12.34
C TRP A 62 -13.84 1.26 -13.54
N TYR A 63 -14.52 1.15 -14.68
CA TYR A 63 -13.97 1.77 -15.87
C TYR A 63 -14.66 3.09 -16.20
N LEU A 64 -15.88 3.30 -15.73
CA LEU A 64 -16.65 4.36 -16.32
C LEU A 64 -17.28 5.30 -15.31
N ILE A 65 -17.58 4.84 -14.11
CA ILE A 65 -18.09 5.79 -13.15
C ILE A 65 -17.01 6.28 -12.21
N ILE A 66 -15.97 5.50 -11.93
CA ILE A 66 -14.86 5.97 -11.10
C ILE A 66 -13.89 6.87 -11.87
N PRO A 67 -13.58 6.66 -13.13
CA PRO A 67 -12.85 7.71 -13.87
C PRO A 67 -13.59 9.02 -13.99
N LEU A 68 -14.85 8.99 -14.42
CA LEU A 68 -15.68 10.19 -14.41
C LEU A 68 -15.68 10.83 -13.04
N LEU A 69 -16.01 10.08 -12.01
CA LEU A 69 -16.06 10.65 -10.68
C LEU A 69 -14.71 11.17 -10.26
N ASP A 70 -13.64 10.48 -10.65
CA ASP A 70 -12.30 10.96 -10.40
C ASP A 70 -12.20 12.39 -10.83
N TRP A 71 -12.38 12.62 -12.12
CA TRP A 71 -12.27 13.96 -12.69
C TRP A 71 -13.26 14.93 -12.07
N VAL A 72 -14.38 14.42 -11.52
CA VAL A 72 -15.42 15.28 -10.97
C VAL A 72 -15.00 15.82 -9.62
N LEU A 73 -14.24 15.06 -8.88
CA LEU A 73 -13.82 15.54 -7.57
C LEU A 73 -12.62 16.44 -7.67
N GLY A 74 -11.49 15.91 -8.14
CA GLY A 74 -10.29 16.71 -8.31
C GLY A 74 -9.06 16.01 -7.76
N ASP A 75 -8.08 16.81 -7.35
CA ASP A 75 -6.90 16.29 -6.69
C ASP A 75 -7.22 16.06 -5.21
N ASP A 76 -6.26 15.53 -4.47
CA ASP A 76 -6.38 15.43 -3.02
C ASP A 76 -5.75 16.66 -2.40
N GLN A 77 -6.27 17.07 -1.26
CA GLN A 77 -5.67 18.18 -0.54
C GLN A 77 -5.12 17.74 0.81
N SER A 78 -4.74 16.48 0.94
CA SER A 78 -4.21 15.96 2.19
C SER A 78 -2.87 15.29 1.92
N ASN A 79 -1.80 15.93 2.36
CA ASN A 79 -0.50 15.28 2.47
C ASN A 79 -0.09 15.39 3.92
N PRO A 80 0.23 14.29 4.57
CA PRO A 80 0.74 14.36 5.91
C PRO A 80 2.12 14.99 5.94
N PRO A 81 2.35 15.93 6.83
CA PRO A 81 3.71 16.39 7.07
C PRO A 81 4.58 15.32 7.70
N GLU A 82 5.80 15.71 8.05
CA GLU A 82 6.81 14.73 8.41
C GLU A 82 6.66 14.24 9.84
N ALA A 83 6.53 15.14 10.81
CA ALA A 83 6.50 14.70 12.19
C ALA A 83 5.15 14.16 12.64
N VAL A 84 4.19 13.98 11.74
CA VAL A 84 2.95 13.32 12.12
C VAL A 84 2.92 11.85 11.80
N VAL A 85 3.95 11.32 11.13
CA VAL A 85 4.00 9.89 10.88
C VAL A 85 3.94 9.08 12.17
N PRO A 86 4.76 9.34 13.17
CA PRO A 86 4.59 8.61 14.42
C PRO A 86 3.27 8.88 15.09
N ALA A 87 2.47 9.78 14.57
CA ALA A 87 1.13 9.92 15.10
C ALA A 87 0.10 9.18 14.29
N LEU A 88 0.25 9.16 12.98
CA LEU A 88 -0.73 8.49 12.16
C LEU A 88 -0.53 7.00 12.11
N GLU A 89 0.56 6.48 12.66
CA GLU A 89 0.70 5.04 12.75
C GLU A 89 0.39 4.53 14.15
N SER A 90 -0.64 5.06 14.77
CA SER A 90 -1.08 4.55 16.05
C SER A 90 -2.59 4.54 16.18
N ASP A 91 -3.31 4.84 15.11
CA ASP A 91 -4.75 4.67 15.09
C ASP A 91 -5.07 3.38 14.38
N ARG A 92 -5.67 2.46 15.11
CA ARG A 92 -5.89 1.12 14.64
C ARG A 92 -7.01 1.01 13.63
N TYR A 93 -7.84 2.03 13.49
CA TYR A 93 -8.94 1.96 12.54
C TYR A 93 -8.42 1.60 11.15
N TYR A 94 -7.28 2.20 10.79
CA TYR A 94 -6.76 2.03 9.45
C TYR A 94 -6.28 0.60 9.22
N ARG A 95 -6.16 -0.20 10.26
CA ARG A 95 -5.75 -1.57 10.01
C ARG A 95 -6.88 -2.55 10.27
N ILE A 96 -7.82 -2.20 11.13
CA ILE A 96 -8.99 -3.05 11.25
C ILE A 96 -9.74 -3.06 9.93
N LEU A 97 -9.60 -1.99 9.16
CA LEU A 97 -10.30 -1.95 7.88
C LEU A 97 -9.64 -2.82 6.83
N THR A 98 -8.51 -3.42 7.15
CA THR A 98 -7.92 -4.40 6.23
C THR A 98 -8.18 -5.81 6.71
N TYR A 99 -8.07 -6.01 8.02
CA TYR A 99 -8.44 -7.33 8.52
C TYR A 99 -9.85 -7.69 8.14
N LEU A 100 -10.82 -6.80 8.36
CA LEU A 100 -12.19 -7.14 7.97
C LEU A 100 -12.33 -7.47 6.51
N THR A 101 -11.44 -6.98 5.66
CA THR A 101 -11.58 -7.24 4.25
C THR A 101 -11.17 -8.65 3.90
N VAL A 102 -10.20 -9.21 4.64
CA VAL A 102 -9.76 -10.59 4.36
C VAL A 102 -10.91 -11.60 4.28
N PRO A 103 -11.83 -11.69 5.24
CA PRO A 103 -12.88 -12.70 5.13
C PRO A 103 -13.88 -12.50 4.00
N ILE A 104 -14.41 -11.30 3.81
CA ILE A 104 -15.46 -11.07 2.83
C ILE A 104 -15.10 -11.71 1.49
N HIS A 105 -13.81 -11.86 1.23
CA HIS A 105 -13.37 -12.27 -0.09
C HIS A 105 -13.70 -13.73 -0.35
N TYR A 106 -13.67 -14.56 0.67
CA TYR A 106 -14.06 -15.94 0.49
C TYR A 106 -15.55 -16.06 0.23
N VAL A 107 -16.33 -15.25 0.92
CA VAL A 107 -17.76 -15.24 0.68
C VAL A 107 -18.06 -14.96 -0.77
N VAL A 108 -17.48 -13.89 -1.31
CA VAL A 108 -17.82 -13.53 -2.68
C VAL A 108 -17.57 -14.69 -3.63
N LEU A 109 -16.42 -15.33 -3.49
CA LEU A 109 -16.08 -16.45 -4.36
C LEU A 109 -17.08 -17.59 -4.22
N ILE A 110 -17.25 -18.11 -3.01
CA ILE A 110 -18.10 -19.28 -2.80
C ILE A 110 -19.53 -18.99 -3.21
N GLY A 111 -20.07 -17.87 -2.75
CA GLY A 111 -21.43 -17.55 -3.08
C GLY A 111 -21.67 -17.41 -4.57
N SER A 112 -20.75 -16.74 -5.27
CA SER A 112 -20.95 -16.60 -6.70
C SER A 112 -20.97 -17.95 -7.39
N ALA A 113 -20.04 -18.83 -7.04
CA ALA A 113 -20.00 -20.11 -7.72
C ALA A 113 -21.26 -20.90 -7.45
N TRP A 114 -21.72 -20.91 -6.20
CA TRP A 114 -22.99 -21.57 -5.91
C TRP A 114 -24.12 -20.94 -6.66
N TYR A 115 -24.00 -19.68 -7.04
CA TYR A 115 -25.05 -19.15 -7.89
C TYR A 115 -25.03 -19.84 -9.23
N VAL A 116 -23.90 -19.79 -9.92
CA VAL A 116 -23.89 -20.29 -11.30
C VAL A 116 -24.34 -21.72 -11.34
N SER A 117 -23.98 -22.51 -10.33
CA SER A 117 -24.39 -23.91 -10.39
C SER A 117 -25.80 -24.12 -9.88
N THR A 118 -26.29 -23.24 -9.03
CA THR A 118 -27.66 -23.41 -8.59
C THR A 118 -28.62 -22.88 -9.63
N HIS A 119 -28.10 -22.14 -10.60
CA HIS A 119 -28.92 -21.65 -11.71
C HIS A 119 -28.21 -21.71 -13.04
N TYR A 120 -27.52 -22.81 -13.33
CA TYR A 120 -27.01 -22.97 -14.67
C TYR A 120 -28.11 -22.98 -15.70
N GLY A 121 -29.26 -23.54 -15.35
CA GLY A 121 -30.35 -23.76 -16.27
C GLY A 121 -31.30 -22.61 -16.40
N SER A 122 -30.91 -21.43 -15.97
CA SER A 122 -31.62 -20.23 -16.33
C SER A 122 -30.71 -19.12 -16.81
N MET A 123 -29.40 -19.33 -16.84
CA MET A 123 -28.48 -18.32 -17.27
C MET A 123 -28.04 -18.58 -18.71
N THR A 124 -27.67 -17.51 -19.40
CA THR A 124 -27.02 -17.56 -20.70
C THR A 124 -25.52 -17.68 -20.50
N TRP A 125 -24.75 -17.58 -21.59
CA TRP A 125 -23.30 -17.62 -21.39
C TRP A 125 -22.66 -16.25 -21.22
N TYR A 126 -23.30 -15.20 -21.75
CA TYR A 126 -22.88 -13.86 -21.37
C TYR A 126 -22.73 -13.77 -19.89
N ASP A 127 -23.80 -14.00 -19.17
CA ASP A 127 -23.80 -13.73 -17.75
C ASP A 127 -22.72 -14.52 -17.04
N ILE A 128 -22.38 -15.70 -17.55
CA ILE A 128 -21.30 -16.46 -16.93
C ILE A 128 -20.00 -15.71 -17.09
N LEU A 129 -19.67 -15.32 -18.32
CA LEU A 129 -18.42 -14.59 -18.49
C LEU A 129 -18.41 -13.32 -17.66
N GLY A 130 -19.58 -12.71 -17.49
CA GLY A 130 -19.62 -11.42 -16.83
C GLY A 130 -19.37 -11.54 -15.35
N LEU A 131 -20.07 -12.46 -14.70
CA LEU A 131 -19.85 -12.66 -13.29
C LEU A 131 -18.40 -13.06 -13.03
N ALA A 132 -17.83 -13.86 -13.93
CA ALA A 132 -16.44 -14.27 -13.73
C ALA A 132 -15.52 -13.06 -13.76
N LEU A 133 -15.73 -12.16 -14.71
CA LEU A 133 -14.85 -11.00 -14.77
C LEU A 133 -15.00 -10.12 -13.54
N SER A 134 -16.24 -9.91 -13.10
CA SER A 134 -16.43 -9.09 -11.91
C SER A 134 -15.65 -9.65 -10.75
N VAL A 135 -15.79 -10.95 -10.50
CA VAL A 135 -15.07 -11.51 -9.37
C VAL A 135 -13.58 -11.45 -9.61
N GLY A 136 -13.15 -11.39 -10.87
CA GLY A 136 -11.72 -11.23 -11.13
C GLY A 136 -11.19 -9.88 -10.69
N ILE A 137 -11.90 -8.82 -11.03
CA ILE A 137 -11.47 -7.51 -10.57
C ILE A 137 -11.43 -7.46 -9.05
N VAL A 138 -12.45 -7.98 -8.40
CA VAL A 138 -12.39 -7.99 -6.96
C VAL A 138 -11.21 -8.83 -6.47
N ASN A 139 -10.66 -9.72 -7.31
CA ASN A 139 -9.45 -10.44 -6.81
C ASN A 139 -8.25 -9.48 -6.88
N GLY A 140 -8.39 -8.45 -7.69
CA GLY A 140 -7.31 -7.48 -7.68
C GLY A 140 -7.30 -6.90 -6.30
N LEU A 141 -8.48 -6.68 -5.72
CA LEU A 141 -8.47 -6.02 -4.40
C LEU A 141 -7.94 -7.00 -3.36
N ALA A 142 -8.16 -8.30 -3.49
CA ALA A 142 -7.50 -9.21 -2.54
C ALA A 142 -6.01 -8.95 -2.65
N ILE A 143 -5.42 -9.08 -3.83
CA ILE A 143 -3.95 -8.85 -3.81
C ILE A 143 -3.62 -7.47 -3.21
N ASN A 144 -4.33 -6.37 -3.51
CA ASN A 144 -3.91 -5.06 -2.91
C ASN A 144 -4.19 -5.03 -1.42
N THR A 145 -4.80 -6.06 -0.82
CA THR A 145 -4.96 -6.18 0.67
C THR A 145 -3.91 -7.16 1.15
N GLY A 146 -3.37 -7.99 0.26
CA GLY A 146 -2.23 -8.83 0.66
C GLY A 146 -0.92 -8.08 0.59
N HIS A 147 -0.72 -7.26 -0.45
CA HIS A 147 0.52 -6.45 -0.53
C HIS A 147 0.56 -5.47 0.65
N GLU A 148 -0.56 -4.94 1.10
CA GLU A 148 -0.49 -3.92 2.18
C GLU A 148 -0.24 -4.59 3.53
N LEU A 149 -0.48 -5.90 3.64
CA LEU A 149 -0.35 -6.57 4.96
C LEU A 149 0.86 -7.50 4.96
N GLY A 150 1.75 -7.37 3.96
CA GLY A 150 2.97 -8.18 3.93
C GLY A 150 4.16 -7.38 4.44
N HIS A 151 4.31 -6.16 3.95
CA HIS A 151 5.41 -5.28 4.39
C HIS A 151 5.18 -4.87 5.86
N LYS A 152 4.85 -5.81 6.73
CA LYS A 152 4.71 -5.43 8.16
C LYS A 152 5.77 -6.18 8.97
N LYS A 153 5.84 -5.91 10.27
CA LYS A 153 6.90 -6.52 11.09
C LYS A 153 6.26 -7.34 12.22
N THR A 154 4.96 -7.60 12.11
CA THR A 154 4.25 -8.41 13.15
C THR A 154 4.00 -9.82 12.58
N GLU A 155 3.50 -10.74 13.41
CA GLU A 155 3.20 -12.08 12.93
C GLU A 155 1.79 -12.21 12.40
N LEU A 156 0.86 -11.51 13.07
CA LEU A 156 -0.52 -11.56 12.65
C LEU A 156 -0.66 -11.10 11.21
N GLU A 157 0.02 -10.02 10.87
CA GLU A 157 -0.12 -9.46 9.54
C GLU A 157 0.42 -10.42 8.50
N ARG A 158 1.49 -11.12 8.83
CA ARG A 158 2.07 -11.99 7.82
C ARG A 158 1.19 -13.20 7.53
N TRP A 159 0.68 -13.85 8.57
CA TRP A 159 -0.18 -14.99 8.29
C TRP A 159 -1.46 -14.56 7.61
N LEU A 160 -1.97 -13.40 7.97
CA LEU A 160 -3.13 -12.92 7.25
C LEU A 160 -2.80 -12.68 5.80
N ALA A 161 -1.60 -12.20 5.51
CA ALA A 161 -1.23 -11.99 4.12
C ALA A 161 -1.31 -13.27 3.36
N LYS A 162 -0.83 -14.35 3.95
CA LYS A 162 -0.84 -15.59 3.20
C LYS A 162 -2.23 -16.13 3.02
N ILE A 163 -3.06 -16.06 4.05
CA ILE A 163 -4.43 -16.55 3.91
C ILE A 163 -5.18 -15.79 2.84
N VAL A 164 -5.05 -14.46 2.82
CA VAL A 164 -5.80 -13.70 1.82
C VAL A 164 -5.25 -13.97 0.44
N LEU A 165 -3.96 -14.16 0.29
CA LEU A 165 -3.45 -14.40 -1.04
C LEU A 165 -3.82 -15.78 -1.52
N ALA A 166 -4.12 -16.69 -0.62
CA ALA A 166 -4.40 -18.04 -1.06
C ALA A 166 -5.63 -18.14 -1.94
N VAL A 167 -6.55 -17.18 -1.86
CA VAL A 167 -7.83 -17.29 -2.54
C VAL A 167 -7.69 -17.01 -4.03
N VAL A 168 -6.50 -16.66 -4.48
CA VAL A 168 -6.25 -16.51 -5.90
C VAL A 168 -5.04 -17.31 -6.34
N GLY A 169 -4.36 -17.95 -5.40
CA GLY A 169 -3.26 -18.83 -5.72
C GLY A 169 -1.93 -18.13 -5.83
N TYR A 170 -1.83 -16.94 -5.28
CA TYR A 170 -0.65 -16.11 -5.43
C TYR A 170 0.03 -15.94 -4.09
N GLY A 171 0.21 -17.06 -3.37
CA GLY A 171 0.78 -17.03 -2.04
C GLY A 171 2.28 -16.84 -2.00
N HIS A 172 2.95 -16.98 -3.14
CA HIS A 172 4.38 -16.78 -3.23
C HIS A 172 4.75 -15.34 -3.50
N PHE A 173 3.77 -14.54 -3.90
CA PHE A 173 3.93 -13.09 -3.94
C PHE A 173 4.69 -12.62 -2.74
N PHE A 174 4.51 -13.28 -1.61
CA PHE A 174 5.20 -12.90 -0.40
C PHE A 174 6.70 -12.82 -0.64
N ILE A 175 7.32 -13.97 -0.91
CA ILE A 175 8.76 -14.01 -1.04
C ILE A 175 9.20 -13.21 -2.23
N GLU A 176 8.46 -13.34 -3.33
CA GLU A 176 8.87 -12.70 -4.56
C GLU A 176 8.93 -11.19 -4.39
N HIS A 177 7.78 -10.58 -4.12
CA HIS A 177 7.73 -9.13 -3.99
C HIS A 177 8.79 -8.67 -3.01
N ASN A 178 8.74 -9.14 -1.77
CA ASN A 178 9.66 -8.53 -0.82
C ASN A 178 11.10 -8.67 -1.29
N LYS A 179 11.65 -9.89 -1.32
CA LYS A 179 13.08 -9.99 -1.59
C LYS A 179 13.40 -9.38 -2.94
N GLY A 180 12.86 -9.98 -4.00
CA GLY A 180 13.27 -9.55 -5.32
C GLY A 180 12.90 -8.12 -5.62
N HIS A 181 11.60 -7.90 -5.91
CA HIS A 181 11.18 -6.55 -6.37
C HIS A 181 11.85 -5.46 -5.55
N HIS A 182 11.90 -5.62 -4.23
CA HIS A 182 12.41 -4.49 -3.42
C HIS A 182 13.95 -4.44 -3.50
N LYS A 183 14.62 -5.50 -4.00
CA LYS A 183 16.05 -5.38 -4.21
C LYS A 183 16.39 -4.80 -5.57
N ASP A 184 15.65 -5.13 -6.61
CA ASP A 184 16.10 -4.76 -7.94
C ASP A 184 15.01 -4.10 -8.78
N VAL A 185 14.22 -3.21 -8.19
CA VAL A 185 13.27 -2.45 -8.99
C VAL A 185 14.02 -1.49 -9.88
N ALA A 186 13.50 -1.29 -11.08
CA ALA A 186 14.18 -0.46 -12.07
C ALA A 186 15.59 -0.98 -12.34
N THR A 187 15.69 -2.17 -12.92
CA THR A 187 16.96 -2.81 -13.15
C THR A 187 16.81 -3.86 -14.24
N PRO A 188 17.78 -4.00 -15.13
CA PRO A 188 17.59 -4.89 -16.27
C PRO A 188 17.14 -6.28 -15.92
N GLU A 189 17.52 -6.80 -14.75
CA GLU A 189 17.22 -8.17 -14.39
C GLU A 189 16.17 -8.27 -13.29
N ASP A 190 15.18 -7.40 -13.31
CA ASP A 190 13.97 -7.60 -12.51
C ASP A 190 12.84 -7.89 -13.48
N PRO A 191 12.16 -9.02 -13.34
CA PRO A 191 11.12 -9.37 -14.31
C PRO A 191 9.89 -8.51 -14.23
N ALA A 192 9.85 -7.53 -13.33
CA ALA A 192 8.67 -6.68 -13.25
C ALA A 192 8.91 -5.29 -13.81
N SER A 193 10.16 -4.87 -13.94
CA SER A 193 10.44 -3.55 -14.48
C SER A 193 10.28 -3.58 -15.98
N ALA A 194 9.44 -2.82 -16.44
CA ALA A 194 9.10 -3.01 -17.83
C ALA A 194 9.98 -2.17 -18.70
N PRO A 195 10.52 -2.69 -19.77
CA PRO A 195 11.37 -1.89 -20.63
C PRO A 195 10.54 -0.95 -21.48
N PHE A 196 11.22 -0.08 -22.19
CA PHE A 196 10.58 1.02 -22.92
C PHE A 196 10.49 0.63 -24.38
N GLY A 197 9.31 0.20 -24.82
CA GLY A 197 9.18 -0.36 -26.14
C GLY A 197 8.75 -1.81 -26.14
N GLN A 198 7.92 -2.19 -25.19
CA GLN A 198 7.49 -3.56 -25.04
C GLN A 198 6.03 -3.61 -24.66
N SER A 199 5.28 -4.48 -25.32
CA SER A 199 3.86 -4.60 -25.12
C SER A 199 3.56 -5.33 -23.82
N ILE A 200 2.38 -5.08 -23.26
CA ILE A 200 2.04 -5.77 -22.03
C ILE A 200 1.85 -7.24 -22.30
N TYR A 201 1.71 -7.61 -23.56
CA TYR A 201 1.55 -9.01 -23.88
C TYR A 201 2.88 -9.73 -23.81
N ARG A 202 3.89 -9.23 -24.51
CA ARG A 202 5.17 -9.90 -24.41
C ARG A 202 5.74 -9.76 -23.01
N PHE A 203 5.34 -8.71 -22.31
CA PHE A 203 5.76 -8.54 -20.94
C PHE A 203 5.14 -9.59 -20.06
N ALA A 204 3.83 -9.83 -20.21
CA ALA A 204 3.22 -10.82 -19.36
C ALA A 204 3.88 -12.16 -19.57
N LEU A 205 4.23 -12.47 -20.81
CA LEU A 205 5.03 -13.65 -21.06
C LEU A 205 6.26 -13.68 -20.17
N ARG A 206 7.14 -12.70 -20.31
CA ARG A 206 8.40 -12.79 -19.58
C ARG A 206 8.21 -12.66 -18.08
N GLU A 207 7.03 -12.24 -17.63
CA GLU A 207 6.83 -11.92 -16.22
C GLU A 207 6.27 -13.06 -15.41
N ILE A 208 5.16 -13.67 -15.85
CA ILE A 208 4.46 -14.63 -15.00
C ILE A 208 5.35 -15.79 -14.60
N PRO A 209 6.09 -16.44 -15.49
CA PRO A 209 7.03 -17.46 -15.03
C PRO A 209 8.18 -16.91 -14.22
N GLY A 210 8.52 -15.64 -14.38
CA GLY A 210 9.62 -15.09 -13.64
C GLY A 210 9.43 -15.24 -12.14
N ALA A 211 8.29 -14.78 -11.63
CA ALA A 211 8.09 -14.78 -10.20
C ALA A 211 8.18 -16.18 -9.64
N ILE A 212 7.58 -17.14 -10.35
CA ILE A 212 7.52 -18.51 -9.85
C ILE A 212 8.91 -19.11 -9.80
N ILE A 213 9.61 -19.09 -10.93
CA ILE A 213 10.95 -19.68 -10.95
C ILE A 213 11.81 -19.07 -9.86
N ARG A 214 11.75 -17.75 -9.73
CA ARG A 214 12.66 -17.08 -8.83
C ARG A 214 12.35 -17.42 -7.39
N ALA A 215 11.08 -17.41 -7.01
CA ALA A 215 10.75 -17.73 -5.63
C ALA A 215 11.19 -19.13 -5.31
N TRP A 216 11.01 -20.06 -6.26
CA TRP A 216 11.37 -21.42 -5.92
C TRP A 216 12.85 -21.52 -5.63
N ASN A 217 13.67 -21.00 -6.55
CA ASN A 217 15.10 -21.00 -6.29
C ASN A 217 15.41 -20.37 -4.95
N SER A 218 14.69 -19.30 -4.60
CA SER A 218 15.12 -18.49 -3.47
C SER A 218 14.95 -19.22 -2.17
N GLU A 219 13.80 -19.84 -1.98
CA GLU A 219 13.64 -20.55 -0.72
C GLU A 219 14.46 -21.83 -0.72
N LYS A 220 14.63 -22.45 -1.88
CA LYS A 220 15.53 -23.59 -1.94
C LYS A 220 16.89 -23.23 -1.39
N GLU A 221 17.50 -22.19 -1.93
CA GLU A 221 18.86 -21.86 -1.53
C GLU A 221 18.93 -21.32 -0.12
N ARG A 222 17.87 -20.70 0.38
CA ARG A 222 17.87 -20.40 1.80
C ARG A 222 17.99 -21.67 2.61
N LEU A 223 16.99 -22.56 2.52
CA LEU A 223 16.96 -23.73 3.38
C LEU A 223 18.18 -24.62 3.19
N GLY A 224 18.74 -24.65 1.99
CA GLY A 224 19.84 -25.55 1.70
C GLY A 224 21.03 -25.41 2.62
N ARG A 225 21.26 -24.20 3.17
CA ARG A 225 22.32 -24.03 4.16
C ARG A 225 22.15 -24.99 5.32
N LEU A 226 21.02 -25.67 5.36
CA LEU A 226 20.67 -26.51 6.48
C LEU A 226 20.43 -27.90 5.93
N GLY A 227 19.94 -28.81 6.75
CA GLY A 227 19.74 -30.15 6.25
C GLY A 227 18.28 -30.46 6.04
N HIS A 228 17.42 -29.48 6.32
CA HIS A 228 15.98 -29.65 6.25
C HIS A 228 15.58 -29.54 4.79
N SER A 229 15.42 -30.68 4.14
CA SER A 229 15.35 -30.86 2.69
C SER A 229 14.39 -29.89 2.00
N PRO A 230 14.61 -29.63 0.72
CA PRO A 230 13.74 -28.74 -0.05
C PRO A 230 12.25 -28.86 0.19
N TRP A 231 11.70 -30.07 0.13
CA TRP A 231 10.26 -30.25 0.39
C TRP A 231 10.00 -30.30 1.89
N SER A 232 9.94 -29.11 2.49
CA SER A 232 9.78 -29.04 3.93
C SER A 232 8.45 -28.41 4.28
N LEU A 233 8.27 -28.12 5.55
CA LEU A 233 7.03 -27.53 6.00
C LEU A 233 7.14 -26.02 5.99
N GLN A 234 8.27 -25.52 6.46
CA GLN A 234 8.48 -24.10 6.68
C GLN A 234 8.63 -23.33 5.39
N ASN A 235 8.60 -24.01 4.27
CA ASN A 235 8.63 -23.32 3.00
C ASN A 235 7.40 -22.44 2.86
N GLU A 236 7.61 -21.18 2.48
CA GLU A 236 6.51 -20.26 2.31
C GLU A 236 6.04 -20.12 0.88
N VAL A 237 6.56 -20.91 -0.05
CA VAL A 237 5.97 -20.94 -1.36
C VAL A 237 4.99 -22.11 -1.51
N LEU A 238 5.16 -23.19 -0.75
CA LEU A 238 4.23 -24.31 -0.78
C LEU A 238 3.36 -24.40 0.46
N GLN A 239 3.29 -23.34 1.26
CA GLN A 239 2.47 -23.23 2.45
C GLN A 239 1.04 -22.76 2.21
N PRO A 240 0.78 -21.79 1.34
CA PRO A 240 -0.61 -21.48 1.01
C PRO A 240 -1.23 -22.36 -0.08
N LEU A 241 -0.45 -23.21 -0.76
CA LEU A 241 -1.09 -24.20 -1.62
C LEU A 241 -1.90 -25.19 -0.80
N LEU A 242 -1.60 -25.32 0.49
CA LEU A 242 -2.42 -26.12 1.38
C LEU A 242 -3.80 -25.55 1.59
N ILE A 243 -4.07 -24.34 1.13
CA ILE A 243 -5.39 -23.77 1.20
C ILE A 243 -6.01 -23.64 -0.16
N THR A 244 -5.20 -23.35 -1.17
CA THR A 244 -5.79 -23.25 -2.50
C THR A 244 -6.13 -24.61 -3.07
N ILE A 245 -5.46 -25.68 -2.66
CA ILE A 245 -5.77 -26.99 -3.20
C ILE A 245 -7.10 -27.46 -2.61
N PRO A 246 -7.25 -27.55 -1.29
CA PRO A 246 -8.56 -27.92 -0.76
C PRO A 246 -9.69 -27.05 -1.20
N LEU A 247 -9.50 -25.73 -1.25
CA LEU A 247 -10.58 -24.86 -1.68
C LEU A 247 -11.16 -25.33 -2.99
N TYR A 248 -10.32 -25.53 -3.97
CA TYR A 248 -10.85 -25.83 -5.29
C TYR A 248 -11.34 -27.26 -5.37
N VAL A 249 -10.62 -28.20 -4.76
CA VAL A 249 -11.09 -29.58 -4.86
C VAL A 249 -12.45 -29.71 -4.24
N GLY A 250 -12.65 -29.09 -3.09
CA GLY A 250 -13.94 -29.14 -2.44
C GLY A 250 -14.99 -28.43 -3.25
N LEU A 251 -14.89 -27.11 -3.34
CA LEU A 251 -15.88 -26.34 -4.05
C LEU A 251 -16.28 -26.98 -5.38
N ILE A 252 -15.31 -27.53 -6.11
CA ILE A 252 -15.62 -28.05 -7.44
C ILE A 252 -16.34 -29.39 -7.34
N ALA A 253 -15.80 -30.33 -6.56
CA ALA A 253 -16.42 -31.65 -6.54
C ALA A 253 -17.70 -31.65 -5.73
N VAL A 254 -17.96 -30.58 -4.97
CA VAL A 254 -19.27 -30.45 -4.32
C VAL A 254 -20.28 -29.82 -5.27
N LEU A 255 -19.96 -28.66 -5.85
CA LEU A 255 -20.92 -28.05 -6.76
C LEU A 255 -21.05 -28.82 -8.03
N GLY A 256 -20.24 -29.87 -8.19
CA GLY A 256 -20.23 -30.61 -9.47
C GLY A 256 -19.17 -30.04 -10.40
N VAL A 257 -18.72 -30.82 -11.39
CA VAL A 257 -17.65 -30.37 -12.31
C VAL A 257 -18.18 -29.20 -13.16
N LYS A 258 -19.42 -28.79 -12.94
CA LYS A 258 -20.03 -27.78 -13.87
C LYS A 258 -19.40 -26.39 -13.78
N ILE A 259 -18.71 -26.03 -12.69
CA ILE A 259 -18.24 -24.62 -12.56
C ILE A 259 -16.76 -24.46 -12.92
N ILE A 260 -16.19 -25.35 -13.75
CA ILE A 260 -14.76 -25.24 -14.17
C ILE A 260 -14.59 -24.11 -15.20
N PRO A 261 -15.50 -23.91 -16.18
CA PRO A 261 -15.39 -22.80 -17.12
C PRO A 261 -15.47 -21.38 -16.50
N PHE A 262 -15.79 -21.28 -15.21
CA PHE A 262 -15.97 -19.95 -14.57
C PHE A 262 -14.89 -19.71 -13.51
N LEU A 263 -14.28 -20.77 -12.98
CA LEU A 263 -13.24 -20.62 -11.94
C LEU A 263 -11.88 -20.30 -12.59
N LEU A 264 -11.65 -20.69 -13.84
CA LEU A 264 -10.43 -20.36 -14.57
C LEU A 264 -10.44 -18.93 -15.07
N ILE A 265 -11.59 -18.46 -15.55
CA ILE A 265 -11.68 -17.08 -15.97
C ILE A 265 -11.37 -16.16 -14.81
N GLN A 266 -11.92 -16.44 -13.64
CA GLN A 266 -11.66 -15.54 -12.53
C GLN A 266 -10.17 -15.50 -12.21
N ILE A 267 -9.50 -16.66 -12.26
CA ILE A 267 -8.12 -16.70 -11.83
C ILE A 267 -7.22 -15.95 -12.80
N VAL A 268 -7.42 -16.19 -14.08
CA VAL A 268 -6.58 -15.53 -15.06
C VAL A 268 -6.76 -14.04 -15.01
N PHE A 269 -7.99 -13.58 -14.76
CA PHE A 269 -8.15 -12.13 -14.74
C PHE A 269 -7.51 -11.53 -13.51
N GLY A 270 -7.47 -12.26 -12.40
CA GLY A 270 -6.71 -11.79 -11.25
C GLY A 270 -5.23 -11.58 -11.57
N TRP A 271 -4.62 -12.57 -12.19
CA TRP A 271 -3.20 -12.43 -12.49
C TRP A 271 -2.97 -11.30 -13.48
N TRP A 272 -3.88 -11.11 -14.41
CA TRP A 272 -3.78 -9.96 -15.29
C TRP A 272 -3.80 -8.66 -14.52
N GLN A 273 -4.68 -8.56 -13.53
CA GLN A 273 -4.72 -7.35 -12.73
C GLN A 273 -3.36 -7.04 -12.17
N LEU A 274 -2.73 -8.02 -11.55
CA LEU A 274 -1.45 -7.71 -10.91
C LEU A 274 -0.41 -7.31 -11.93
N THR A 275 -0.37 -7.98 -13.08
CA THR A 275 0.72 -7.70 -14.00
C THR A 275 0.58 -6.33 -14.65
N SER A 276 -0.64 -5.89 -14.90
CA SER A 276 -0.81 -4.56 -15.46
C SER A 276 -0.28 -3.47 -14.53
N ALA A 277 -0.52 -3.64 -13.23
CA ALA A 277 0.00 -2.68 -12.26
C ALA A 277 1.51 -2.55 -12.38
N ASN A 278 2.23 -3.62 -12.07
CA ASN A 278 3.68 -3.61 -12.20
C ASN A 278 4.14 -2.99 -13.50
N TYR A 279 3.43 -3.25 -14.59
CA TYR A 279 3.79 -2.59 -15.83
C TYR A 279 3.80 -1.09 -15.66
N ILE A 280 2.67 -0.51 -15.29
CA ILE A 280 2.62 0.94 -15.36
C ILE A 280 3.30 1.59 -14.18
N GLU A 281 3.80 0.82 -13.22
CA GLU A 281 4.41 1.46 -12.06
C GLU A 281 5.80 1.96 -12.36
N HIS A 282 6.69 1.10 -12.79
CA HIS A 282 8.07 1.47 -13.01
C HIS A 282 8.45 1.39 -14.47
N TYR A 283 7.56 1.82 -15.33
CA TYR A 283 7.69 1.59 -16.76
C TYR A 283 8.76 2.47 -17.37
N GLY A 284 9.83 1.86 -17.82
CA GLY A 284 10.85 2.56 -18.56
C GLY A 284 11.96 3.16 -17.76
N LEU A 285 11.98 2.99 -16.45
CA LEU A 285 12.85 3.77 -15.58
C LEU A 285 14.02 2.96 -15.08
N LEU A 286 15.17 3.60 -14.98
CA LEU A 286 16.39 2.85 -14.77
C LEU A 286 17.31 3.54 -13.79
N ARG A 287 18.03 2.73 -13.01
CA ARG A 287 18.96 3.20 -12.01
C ARG A 287 20.36 3.20 -12.57
N GLN A 288 21.12 4.22 -12.20
CA GLN A 288 22.43 4.41 -12.77
C GLN A 288 23.43 3.45 -12.15
N LYS A 289 24.49 3.17 -12.88
CA LYS A 289 25.48 2.17 -12.51
C LYS A 289 26.67 2.85 -11.87
N LEU A 290 27.03 2.43 -10.67
CA LEU A 290 28.18 3.04 -10.01
C LEU A 290 29.48 2.54 -10.63
N PRO A 291 30.43 3.44 -10.87
CA PRO A 291 31.64 3.09 -11.61
C PRO A 291 32.25 1.79 -11.11
N ASP A 292 32.31 0.81 -12.02
CA ASP A 292 33.04 -0.42 -11.81
C ASP A 292 32.55 -1.17 -10.57
N GLY A 293 31.40 -0.78 -10.05
CA GLY A 293 30.86 -1.46 -8.91
C GLY A 293 29.51 -2.07 -9.19
N ARG A 294 28.65 -2.02 -8.19
CA ARG A 294 27.31 -2.55 -8.24
C ARG A 294 26.33 -1.45 -8.63
N TYR A 295 25.04 -1.69 -8.43
CA TYR A 295 23.99 -0.74 -8.76
C TYR A 295 23.72 0.25 -7.63
N GLU A 296 23.02 1.32 -7.98
CA GLU A 296 22.72 2.38 -7.04
C GLU A 296 21.38 2.16 -6.36
N ARG A 297 21.33 2.50 -5.07
CA ARG A 297 20.14 2.27 -4.27
C ARG A 297 18.97 3.07 -4.81
N CYS A 298 17.78 2.57 -4.53
CA CYS A 298 16.59 3.15 -5.16
C CYS A 298 16.49 4.63 -4.83
N GLN A 299 15.72 5.34 -5.62
CA GLN A 299 15.63 6.77 -5.49
C GLN A 299 14.18 7.20 -5.61
N PRO A 300 13.88 8.49 -5.43
CA PRO A 300 12.52 8.95 -5.65
C PRO A 300 12.10 9.01 -7.10
N TYR A 301 12.98 9.31 -8.04
CA TYR A 301 12.54 9.55 -9.41
C TYR A 301 12.64 8.32 -10.27
N HIS A 302 12.32 7.17 -9.70
CA HIS A 302 12.26 5.90 -10.39
C HIS A 302 10.93 5.23 -10.17
N SER A 303 9.86 5.99 -10.03
CA SER A 303 8.58 5.37 -9.81
C SER A 303 7.50 6.37 -10.15
N TRP A 304 6.51 5.91 -10.89
CA TRP A 304 5.41 6.74 -11.31
C TRP A 304 4.36 6.77 -10.23
N ASN A 305 3.67 7.89 -10.06
CA ASN A 305 2.65 8.01 -9.05
C ASN A 305 1.62 9.07 -9.41
N SER A 306 0.42 8.94 -8.85
CA SER A 306 -0.66 9.90 -9.06
C SER A 306 -1.34 10.18 -7.74
N ASN A 307 -2.16 11.24 -7.72
CA ASN A 307 -2.83 11.68 -6.50
C ASN A 307 -4.27 12.11 -6.76
N HIS A 308 -5.06 11.31 -7.45
CA HIS A 308 -6.48 11.60 -7.57
C HIS A 308 -7.23 10.90 -6.45
N VAL A 309 -8.44 11.37 -6.17
CA VAL A 309 -9.04 11.05 -4.88
C VAL A 309 -9.70 9.69 -4.78
N MET A 310 -10.75 9.45 -5.54
CA MET A 310 -11.47 8.22 -5.28
C MET A 310 -10.70 6.97 -5.68
N SER A 311 -9.86 7.05 -6.70
CA SER A 311 -9.05 5.89 -7.06
C SER A 311 -8.11 5.50 -5.95
N ASN A 312 -7.56 6.47 -5.24
CA ASN A 312 -6.78 6.22 -4.04
C ASN A 312 -7.61 5.63 -2.94
N LEU A 313 -8.82 6.12 -2.75
CA LEU A 313 -9.70 5.53 -1.76
C LEU A 313 -9.96 4.07 -2.01
N ILE A 314 -10.03 3.64 -3.26
CA ILE A 314 -10.25 2.22 -3.53
C ILE A 314 -8.97 1.43 -3.27
N LEU A 315 -7.96 1.66 -4.08
CA LEU A 315 -6.68 1.01 -3.87
C LEU A 315 -5.95 1.80 -2.81
N PHE A 316 -5.87 1.26 -1.59
CA PHE A 316 -5.27 2.02 -0.51
C PHE A 316 -3.99 2.61 -1.03
N HIS A 317 -3.71 3.85 -0.64
CA HIS A 317 -2.90 4.68 -1.49
C HIS A 317 -1.75 3.89 -2.07
N LEU A 318 -1.85 3.59 -3.35
CA LEU A 318 -0.84 2.81 -4.02
C LEU A 318 -0.39 3.67 -5.16
N GLN A 319 -1.24 4.63 -5.53
CA GLN A 319 -0.86 5.58 -6.61
C GLN A 319 0.27 6.49 -6.10
N ARG A 320 0.83 6.23 -4.92
CA ARG A 320 1.88 7.12 -4.45
C ARG A 320 3.21 6.39 -4.37
N HIS A 321 3.56 5.69 -5.43
CA HIS A 321 4.49 4.58 -5.31
C HIS A 321 5.89 5.00 -4.89
N SER A 322 6.32 6.20 -5.25
CA SER A 322 7.70 6.56 -4.97
C SER A 322 7.94 6.57 -3.48
N ASP A 323 7.05 7.19 -2.72
CA ASP A 323 7.27 7.24 -1.30
C ASP A 323 7.17 5.88 -0.70
N HIS A 324 6.42 4.98 -1.37
CA HIS A 324 6.36 3.56 -0.89
C HIS A 324 7.77 2.99 -0.94
N HIS A 325 8.41 3.10 -2.11
CA HIS A 325 9.78 2.55 -2.26
C HIS A 325 10.72 3.35 -1.34
N ALA A 326 10.38 4.61 -1.07
CA ALA A 326 11.24 5.47 -0.21
C ALA A 326 11.31 4.88 1.20
N HIS A 327 10.19 4.37 1.72
CA HIS A 327 10.17 3.74 3.07
C HIS A 327 9.16 2.60 3.07
N PRO A 328 9.55 1.35 2.74
CA PRO A 328 8.59 0.25 2.64
C PRO A 328 7.69 0.09 3.84
N THR A 329 8.27 0.12 5.03
CA THR A 329 7.52 -0.06 6.26
C THR A 329 6.90 1.27 6.65
N ARG A 330 5.70 1.50 6.15
CA ARG A 330 4.90 2.64 6.60
C ARG A 330 3.48 2.42 6.13
N ARG A 331 2.54 2.45 7.05
CA ARG A 331 1.17 2.10 6.76
C ARG A 331 0.58 3.07 5.74
N TYR A 332 -0.57 2.70 5.19
CA TYR A 332 -1.14 3.51 4.13
C TYR A 332 -1.89 4.69 4.70
N GLN A 333 -1.32 5.35 5.67
CA GLN A 333 -1.92 6.58 6.11
C GLN A 333 -0.88 7.62 6.34
N SER A 334 0.38 7.29 6.21
CA SER A 334 1.44 8.24 6.35
C SER A 334 2.10 8.53 5.02
N LEU A 335 1.71 7.84 3.97
CA LEU A 335 2.41 7.98 2.70
C LEU A 335 2.19 9.36 2.13
N ARG A 336 3.27 10.02 1.82
CA ARG A 336 3.26 11.43 1.49
C ARG A 336 2.79 11.60 0.06
N ASP A 337 2.93 12.79 -0.49
CA ASP A 337 2.74 12.99 -1.91
C ASP A 337 3.76 13.99 -2.44
N PHE A 338 4.07 13.88 -3.71
CA PHE A 338 5.10 14.73 -4.27
C PHE A 338 4.71 15.19 -5.66
N PRO A 339 4.69 16.50 -5.93
CA PRO A 339 4.26 17.00 -7.24
C PRO A 339 5.37 17.31 -8.22
N ASP A 340 6.62 16.97 -7.95
CA ASP A 340 7.69 17.27 -8.88
C ASP A 340 8.46 16.04 -9.29
N LEU A 341 8.23 14.92 -8.64
CA LEU A 341 8.67 13.63 -9.13
C LEU A 341 7.86 13.30 -10.37
N PRO A 342 8.11 12.18 -11.03
CA PRO A 342 7.33 11.86 -12.22
C PRO A 342 5.84 11.79 -11.93
N THR A 343 5.03 12.18 -12.90
CA THR A 343 3.59 12.23 -12.76
C THR A 343 2.91 11.53 -13.92
N LEU A 344 1.99 10.64 -13.62
CA LEU A 344 1.15 10.04 -14.63
C LEU A 344 0.18 11.08 -15.17
N PRO A 345 -0.53 10.77 -16.24
CA PRO A 345 -1.59 11.70 -16.68
C PRO A 345 -2.89 11.59 -15.92
N SER A 346 -3.30 10.40 -15.50
CA SER A 346 -4.60 10.23 -14.86
C SER A 346 -4.49 9.19 -13.76
N GLY A 347 -5.62 8.79 -13.20
CA GLY A 347 -5.65 7.74 -12.20
C GLY A 347 -5.44 6.39 -12.82
N TYR A 348 -5.58 5.37 -12.00
CA TYR A 348 -5.23 4.04 -12.49
C TYR A 348 -6.20 3.40 -13.47
N PRO A 349 -7.51 3.63 -13.40
CA PRO A 349 -8.36 2.91 -14.34
C PRO A 349 -8.14 3.28 -15.79
N LEU A 350 -7.95 4.54 -16.11
CA LEU A 350 -7.75 4.86 -17.51
C LEU A 350 -6.41 4.36 -18.00
N MET A 351 -5.39 4.38 -17.16
CA MET A 351 -4.09 3.88 -17.57
C MET A 351 -4.14 2.37 -17.77
N PHE A 352 -4.96 1.69 -16.98
CA PHE A 352 -5.28 0.31 -17.30
C PHE A 352 -5.91 0.21 -18.68
N ALA A 353 -6.91 1.03 -18.95
CA ALA A 353 -7.63 0.91 -20.20
C ALA A 353 -6.73 1.23 -21.39
N LEU A 354 -5.59 1.85 -21.13
CA LEU A 354 -4.66 2.23 -22.19
C LEU A 354 -3.55 1.22 -22.35
N SER A 355 -3.25 0.45 -21.32
CA SER A 355 -2.26 -0.60 -21.44
C SER A 355 -2.65 -1.64 -22.45
N TYR A 356 -3.88 -2.11 -22.40
CA TYR A 356 -4.28 -3.21 -23.23
C TYR A 356 -4.10 -2.90 -24.70
N PHE A 357 -4.08 -1.63 -25.07
CA PHE A 357 -4.01 -1.22 -26.46
C PHE A 357 -2.68 -0.53 -26.69
N PRO A 358 -1.63 -1.23 -27.06
CA PRO A 358 -0.30 -0.69 -26.93
C PRO A 358 -0.03 0.54 -27.79
N PRO A 359 -0.48 0.60 -29.04
CA PRO A 359 -0.08 1.75 -29.86
C PRO A 359 -0.40 3.12 -29.28
N LEU A 360 -1.59 3.31 -28.70
CA LEU A 360 -1.87 4.61 -28.10
C LEU A 360 -1.04 4.81 -26.84
N TRP A 361 -0.85 3.75 -26.08
CA TRP A 361 0.10 3.80 -24.98
C TRP A 361 1.39 4.41 -25.44
N ARG A 362 1.83 4.05 -26.63
CA ARG A 362 3.06 4.61 -27.13
C ARG A 362 2.86 5.99 -27.68
N ALA A 363 1.63 6.34 -28.04
CA ALA A 363 1.38 7.71 -28.46
C ALA A 363 1.61 8.68 -27.29
N VAL A 364 1.39 8.24 -26.07
CA VAL A 364 1.39 9.13 -24.91
C VAL A 364 2.62 8.92 -24.02
N MET A 365 2.74 7.75 -23.41
CA MET A 365 3.73 7.63 -22.37
C MET A 365 5.14 7.52 -22.92
N ASP A 366 5.31 7.28 -24.22
CA ASP A 366 6.63 7.42 -24.83
C ASP A 366 7.20 8.80 -24.60
N ARG A 367 6.48 9.82 -25.04
CA ARG A 367 6.98 11.18 -24.88
C ARG A 367 7.15 11.54 -23.43
N ARG A 368 6.20 11.16 -22.59
CA ARG A 368 6.41 11.51 -21.19
C ARG A 368 7.69 10.90 -20.65
N VAL A 369 7.96 9.63 -20.97
CA VAL A 369 9.13 8.97 -20.43
C VAL A 369 10.40 9.61 -20.94
N LEU A 370 10.42 9.98 -22.21
CA LEU A 370 11.62 10.63 -22.70
C LEU A 370 11.85 11.95 -21.99
N ASP A 371 10.79 12.67 -21.67
CA ASP A 371 11.00 14.00 -21.12
C ASP A 371 11.41 13.93 -19.67
N VAL A 372 10.77 13.09 -18.87
CA VAL A 372 11.03 13.15 -17.44
C VAL A 372 12.31 12.43 -17.07
N CYS A 373 12.75 11.47 -17.87
CA CYS A 373 13.90 10.66 -17.50
C CYS A 373 15.20 11.31 -17.96
N GLY A 374 15.17 11.98 -19.09
CA GLY A 374 16.35 12.72 -19.44
C GLY A 374 16.90 12.50 -20.82
N ARG A 375 16.10 11.95 -21.73
CA ARG A 375 16.31 12.15 -23.16
C ARG A 375 17.53 11.36 -23.68
N ASP A 376 18.14 10.63 -22.77
CA ASP A 376 19.41 10.00 -23.08
C ASP A 376 19.42 8.56 -22.62
N ALA A 377 20.21 7.73 -23.31
CA ALA A 377 20.08 6.28 -23.25
C ALA A 377 20.85 5.63 -22.12
N ARG A 378 21.41 6.40 -21.21
CA ARG A 378 22.10 5.85 -20.05
C ARG A 378 21.21 5.84 -18.86
N LYS A 379 20.02 6.38 -18.98
CA LYS A 379 19.09 6.45 -17.89
C LYS A 379 17.78 5.76 -18.18
N ILE A 380 17.49 5.43 -19.43
CA ILE A 380 16.25 4.76 -19.79
C ILE A 380 16.55 3.31 -20.13
N ASN A 381 15.58 2.43 -19.96
CA ASN A 381 15.79 0.99 -20.03
C ASN A 381 15.08 0.43 -21.25
N ILE A 382 15.82 0.29 -22.32
CA ILE A 382 15.25 0.01 -23.63
C ILE A 382 15.16 -1.48 -23.87
N ASP A 383 14.06 -1.89 -24.47
CA ASP A 383 13.66 -3.30 -24.60
C ASP A 383 14.77 -4.12 -25.22
N PRO A 384 15.36 -5.04 -24.52
CA PRO A 384 16.52 -5.73 -25.05
C PRO A 384 16.13 -6.79 -26.09
N ASN A 385 15.31 -6.38 -27.03
CA ASN A 385 15.15 -7.17 -28.24
C ASN A 385 15.23 -6.34 -29.52
N GLN A 386 15.23 -5.03 -29.45
CA GLN A 386 15.18 -4.17 -30.62
C GLN A 386 16.02 -2.92 -30.41
N ARG A 387 17.11 -3.05 -29.65
CA ARG A 387 17.79 -1.88 -29.14
C ARG A 387 18.17 -0.92 -30.26
N GLU A 388 18.63 -1.45 -31.38
CA GLU A 388 19.18 -0.60 -32.41
C GLU A 388 18.10 0.29 -33.02
N LYS A 389 16.92 -0.25 -33.25
CA LYS A 389 15.84 0.60 -33.71
C LYS A 389 15.53 1.64 -32.66
N ILE A 390 15.38 1.19 -31.41
CA ILE A 390 14.88 2.10 -30.39
C ILE A 390 15.83 3.26 -30.16
N ILE A 391 17.11 3.07 -30.43
CA ILE A 391 18.05 4.18 -30.32
C ILE A 391 18.16 4.95 -31.61
N HIS A 392 18.17 4.26 -32.75
CA HIS A 392 18.35 4.93 -34.03
C HIS A 392 17.24 5.95 -34.28
N LYS A 393 15.99 5.52 -34.25
CA LYS A 393 14.91 6.48 -34.20
C LYS A 393 14.79 6.96 -32.76
N PHE A 394 13.99 8.00 -32.56
CA PHE A 394 13.95 8.73 -31.31
C PHE A 394 15.37 9.14 -30.92
N ASN A 395 15.94 10.05 -31.70
CA ASN A 395 17.36 10.35 -31.59
C ASN A 395 17.79 10.43 -30.15
N LEU A 396 18.70 9.56 -29.76
CA LEU A 396 19.20 9.49 -28.40
C LEU A 396 20.70 9.61 -28.45
N LEU A 397 21.33 9.41 -27.31
CA LEU A 397 22.76 9.52 -27.20
C LEU A 397 23.29 8.30 -26.47
N THR A 398 24.47 7.87 -26.85
CA THR A 398 25.15 6.79 -26.16
C THR A 398 26.56 7.20 -25.79
N GLN B 3 -5.05 32.02 19.51
CA GLN B 3 -5.52 30.88 18.75
C GLN B 3 -4.87 29.62 19.26
N VAL B 4 -4.82 28.60 18.41
CA VAL B 4 -4.33 27.30 18.83
C VAL B 4 -2.85 27.17 18.46
N GLN B 5 -1.99 27.12 19.48
CA GLN B 5 -0.58 26.80 19.30
C GLN B 5 -0.06 26.23 20.62
N LEU B 6 1.22 25.86 20.64
CA LEU B 6 1.78 25.03 21.71
C LEU B 6 3.12 25.60 22.16
N GLN B 7 3.10 26.56 23.07
CA GLN B 7 4.33 27.16 23.58
C GLN B 7 4.93 26.22 24.60
N GLU B 8 6.24 26.32 24.80
CA GLU B 8 6.98 25.39 25.65
C GLU B 8 8.12 26.10 26.36
N SER B 9 8.88 25.32 27.14
CA SER B 9 10.12 25.78 27.74
C SER B 9 10.94 24.57 28.17
N GLY B 10 12.23 24.82 28.45
CA GLY B 10 13.04 23.80 29.09
C GLY B 10 14.26 23.24 28.38
N GLY B 11 14.99 24.04 27.60
CA GLY B 11 16.16 23.55 26.90
C GLY B 11 17.47 23.97 27.53
N GLY B 12 18.51 23.18 27.25
CA GLY B 12 19.86 23.51 27.72
C GLY B 12 20.81 22.32 27.55
N LEU B 13 21.94 22.41 28.27
CA LEU B 13 22.96 21.37 28.33
C LEU B 13 23.26 21.10 29.80
N VAL B 14 23.19 19.84 30.19
CA VAL B 14 23.41 19.44 31.57
C VAL B 14 24.44 18.33 31.56
N GLN B 15 24.76 17.79 32.72
CA GLN B 15 25.69 16.68 32.83
C GLN B 15 24.96 15.37 32.56
N ALA B 16 25.70 14.40 32.03
CA ALA B 16 25.17 13.06 31.79
C ALA B 16 25.07 12.36 33.14
N GLY B 17 23.84 12.25 33.66
CA GLY B 17 23.62 11.75 35.00
C GLY B 17 22.82 12.72 35.81
N GLY B 18 22.08 13.59 35.13
CA GLY B 18 21.23 14.59 35.74
C GLY B 18 19.81 14.49 35.26
N SER B 19 19.03 15.54 35.54
CA SER B 19 17.60 15.54 35.28
C SER B 19 17.19 16.88 34.67
N LEU B 20 15.97 16.90 34.12
CA LEU B 20 15.45 18.11 33.48
C LEU B 20 13.95 17.94 33.29
N ARG B 21 13.25 19.05 33.05
CA ARG B 21 11.78 19.02 33.04
C ARG B 21 11.27 19.72 31.80
N LEU B 22 10.44 19.03 31.04
CA LEU B 22 9.83 19.60 29.85
C LEU B 22 8.40 19.95 30.16
N SER B 23 7.86 20.89 29.41
CA SER B 23 6.51 21.38 29.61
C SER B 23 6.09 22.15 28.37
N CYS B 24 4.86 21.89 27.91
CA CYS B 24 4.38 22.86 26.92
C CYS B 24 2.90 23.07 27.13
N ALA B 25 2.51 24.35 27.17
CA ALA B 25 1.16 24.74 27.56
C ALA B 25 0.47 25.33 26.33
N ALA B 26 -0.52 24.62 25.82
CA ALA B 26 -1.32 25.14 24.72
C ALA B 26 -2.37 26.10 25.25
N SER B 27 -3.35 26.42 24.39
CA SER B 27 -4.48 27.29 24.83
C SER B 27 -5.62 27.22 23.81
N GLY B 28 -6.66 28.02 23.99
CA GLY B 28 -7.74 28.09 22.99
C GLY B 28 -8.42 26.76 22.66
N THR B 29 -8.81 26.02 23.70
CA THR B 29 -9.44 24.69 23.52
C THR B 29 -10.96 24.78 23.67
N ILE B 30 -11.70 24.32 22.66
CA ILE B 30 -13.18 24.32 22.76
C ILE B 30 -13.60 22.86 22.98
N SER B 31 -12.63 21.95 23.01
CA SER B 31 -12.96 20.52 23.19
C SER B 31 -12.36 19.99 24.49
N ARG B 32 -12.59 18.71 24.81
CA ARG B 32 -12.11 18.20 26.13
C ARG B 32 -11.76 16.71 26.06
N TYR B 33 -11.56 16.17 24.85
CA TYR B 33 -11.15 14.75 24.72
C TYR B 33 -9.90 14.68 23.84
N TRP B 34 -8.79 14.19 24.40
CA TRP B 34 -7.52 14.15 23.64
C TRP B 34 -6.42 13.48 24.46
N THR B 35 -5.15 13.64 24.05
CA THR B 35 -4.02 13.03 24.78
C THR B 35 -2.82 13.84 24.30
N MET B 36 -2.01 14.40 25.20
CA MET B 36 -0.90 15.28 24.76
C MET B 36 0.41 14.51 24.97
N GLY B 37 1.24 14.41 23.92
CA GLY B 37 2.44 13.55 24.04
C GLY B 37 3.71 14.09 23.42
N TRP B 38 4.87 13.62 23.90
CA TRP B 38 6.18 14.00 23.29
C TRP B 38 6.64 13.00 22.22
N TYR B 39 7.43 13.46 21.24
CA TYR B 39 7.99 12.68 20.15
C TYR B 39 9.40 13.18 19.87
N ARG B 40 10.39 12.30 19.92
CA ARG B 40 11.77 12.72 19.81
C ARG B 40 12.36 12.31 18.48
N GLN B 41 13.35 13.09 18.02
CA GLN B 41 13.98 12.81 16.70
C GLN B 41 15.48 12.60 16.88
N ALA B 42 15.91 11.35 17.06
CA ALA B 42 17.35 11.03 17.19
C ALA B 42 18.01 11.30 15.85
N PRO B 43 19.29 11.73 15.78
CA PRO B 43 19.87 12.09 14.49
C PRO B 43 19.83 10.83 13.62
N GLY B 44 19.40 10.99 12.37
CA GLY B 44 19.31 9.82 11.46
C GLY B 44 18.14 8.95 11.83
N LYS B 45 17.24 9.43 12.69
CA LYS B 45 16.13 8.57 13.17
C LYS B 45 14.76 9.20 12.88
N GLU B 46 13.83 8.42 12.33
CA GLU B 46 12.44 8.92 12.13
C GLU B 46 11.81 9.15 13.51
N ARG B 47 10.98 10.18 13.64
CA ARG B 47 10.41 10.53 14.97
C ARG B 47 9.75 9.33 15.65
N GLU B 48 10.28 8.89 16.79
CA GLU B 48 9.64 7.88 17.61
C GLU B 48 8.88 8.57 18.74
N LEU B 49 7.96 7.85 19.35
CA LEU B 49 7.11 8.35 20.41
C LEU B 49 7.86 8.30 21.72
N VAL B 50 7.68 9.32 22.55
CA VAL B 50 8.34 9.35 23.84
C VAL B 50 7.31 9.26 24.95
N ALA B 51 6.35 10.17 24.97
CA ALA B 51 5.35 10.19 26.01
C ALA B 51 4.05 10.74 25.46
N GLY B 52 2.96 10.42 26.16
CA GLY B 52 1.63 10.92 25.83
C GLY B 52 0.60 10.27 26.74
N ILE B 53 -0.28 11.05 27.33
CA ILE B 53 -1.21 10.56 28.34
C ILE B 53 -2.64 10.91 27.93
N SER B 54 -3.56 9.99 28.16
CA SER B 54 -4.95 10.15 27.75
C SER B 54 -5.74 10.80 28.88
N GLU B 55 -6.94 11.29 28.51
CA GLU B 55 -7.80 12.00 29.50
C GLU B 55 -7.73 11.26 30.83
N GLY B 56 -8.03 9.96 30.82
CA GLY B 56 -8.02 9.24 32.07
C GLY B 56 -6.66 9.15 32.69
N GLY B 57 -5.62 9.03 31.88
CA GLY B 57 -4.29 8.79 32.40
C GLY B 57 -3.84 7.36 32.22
N SER B 58 -3.04 7.12 31.17
CA SER B 58 -2.49 5.78 30.90
C SER B 58 -1.24 5.98 30.06
N THR B 59 -0.11 5.56 30.60
CA THR B 59 1.16 5.80 29.94
C THR B 59 1.33 4.89 28.73
N ASN B 60 1.99 5.43 27.69
CA ASN B 60 2.55 4.63 26.60
C ASN B 60 3.89 5.27 26.25
N TYR B 61 4.95 4.82 26.89
CA TYR B 61 6.29 5.22 26.46
C TYR B 61 6.77 4.33 25.32
N ALA B 62 7.98 4.61 24.86
CA ALA B 62 8.75 3.64 24.09
C ALA B 62 9.69 2.93 25.06
N ASP B 63 9.79 1.61 24.89
CA ASP B 63 10.37 0.76 25.92
C ASP B 63 11.77 1.17 26.35
N SER B 64 12.43 2.02 25.59
CA SER B 64 13.82 2.36 25.88
C SER B 64 13.94 3.46 26.92
N VAL B 65 12.84 4.09 27.30
CA VAL B 65 12.92 5.21 28.22
C VAL B 65 12.19 4.82 29.50
N LYS B 66 11.62 3.61 29.49
CA LYS B 66 10.90 3.11 30.65
C LYS B 66 11.75 3.22 31.89
N GLY B 67 11.29 3.98 32.87
CA GLY B 67 11.89 4.00 34.17
C GLY B 67 12.60 5.28 34.49
N ARG B 68 12.88 6.12 33.50
CA ARG B 68 13.52 7.40 33.78
C ARG B 68 12.63 8.59 33.51
N PHE B 69 11.63 8.48 32.66
CA PHE B 69 10.81 9.61 32.27
C PHE B 69 9.38 9.45 32.73
N THR B 70 8.79 10.56 33.16
CA THR B 70 7.49 10.61 33.78
C THR B 70 6.77 11.83 33.24
N ILE B 71 5.46 11.71 33.01
CA ILE B 71 4.71 12.77 32.36
C ILE B 71 3.40 12.99 33.09
N SER B 72 3.21 14.21 33.62
CA SER B 72 1.99 14.42 34.47
C SER B 72 1.35 15.78 34.22
N ARG B 73 0.10 15.98 34.66
CA ARG B 73 -0.59 17.29 34.47
C ARG B 73 -0.87 17.91 35.83
N ASP B 74 -2.15 18.19 36.14
CA ASP B 74 -2.54 18.73 37.48
C ASP B 74 -2.20 20.22 37.55
N ASN B 75 -2.53 20.98 36.50
CA ASN B 75 -2.31 22.45 36.51
C ASN B 75 -3.46 23.12 35.76
N ALA B 76 -3.40 24.44 35.56
CA ALA B 76 -4.42 25.11 34.73
C ALA B 76 -4.58 24.32 33.43
N LYS B 77 -5.76 24.41 32.78
CA LYS B 77 -6.04 23.60 31.55
C LYS B 77 -4.92 23.77 30.52
N ASN B 78 -4.83 22.82 29.58
CA ASN B 78 -3.80 22.90 28.50
C ASN B 78 -2.40 22.96 29.13
N THR B 79 -2.14 22.11 30.12
CA THR B 79 -0.78 22.07 30.76
C THR B 79 -0.35 20.62 30.94
N VAL B 80 0.90 20.30 30.63
CA VAL B 80 1.43 18.91 30.83
C VAL B 80 2.93 19.03 31.16
N TYR B 81 3.46 18.08 31.94
CA TYR B 81 4.85 18.14 32.32
C TYR B 81 5.58 16.88 31.87
N LEU B 82 6.90 16.99 31.73
CA LEU B 82 7.76 15.81 31.68
C LEU B 82 9.09 16.16 32.33
N GLN B 83 9.27 15.72 33.56
CA GLN B 83 10.52 15.87 34.31
C GLN B 83 11.41 14.68 33.95
N MET B 84 12.35 14.91 33.05
CA MET B 84 13.26 13.85 32.62
C MET B 84 14.45 13.79 33.56
N ASN B 85 15.05 12.60 33.67
CA ASN B 85 16.19 12.40 34.53
C ASN B 85 17.13 11.38 33.92
N SER B 86 18.28 11.18 34.56
CA SER B 86 19.22 10.15 34.18
C SER B 86 19.65 10.33 32.72
N LEU B 87 20.33 11.43 32.43
CA LEU B 87 20.68 11.76 31.06
C LEU B 87 21.81 10.87 30.53
N LYS B 88 21.65 10.43 29.29
CA LYS B 88 22.66 9.70 28.55
C LYS B 88 23.04 10.45 27.29
N PRO B 89 24.26 10.27 26.79
CA PRO B 89 24.64 10.91 25.53
C PRO B 89 24.21 10.11 24.33
N GLU B 90 23.69 8.90 24.55
CA GLU B 90 23.11 8.13 23.46
C GLU B 90 21.75 8.65 23.04
N ASP B 91 20.95 9.09 24.00
CA ASP B 91 19.72 9.81 23.69
C ASP B 91 19.96 11.31 23.85
N THR B 92 20.05 11.96 22.71
CA THR B 92 20.15 13.42 22.59
C THR B 92 19.50 13.81 21.26
N ALA B 93 18.43 14.60 21.32
CA ALA B 93 17.55 14.70 20.15
C ALA B 93 16.84 16.05 20.18
N VAL B 94 15.92 16.21 19.24
CA VAL B 94 14.98 17.33 19.24
C VAL B 94 13.61 16.77 19.58
N TYR B 95 12.83 17.57 20.30
CA TYR B 95 11.56 17.10 20.82
C TYR B 95 10.46 18.02 20.32
N TYR B 96 9.48 17.45 19.64
CA TYR B 96 8.22 18.10 19.40
C TYR B 96 7.32 17.85 20.59
N CYS B 97 6.51 18.83 20.96
CA CYS B 97 5.46 18.52 21.93
C CYS B 97 4.17 18.43 21.13
N ALA B 98 3.56 17.25 21.15
CA ALA B 98 2.42 16.97 20.29
C ALA B 98 1.16 16.74 21.11
N VAL B 99 0.04 17.14 20.54
CA VAL B 99 -1.26 17.05 21.18
C VAL B 99 -2.23 16.52 20.15
N THR B 100 -3.36 15.96 20.60
CA THR B 100 -4.38 15.49 19.67
C THR B 100 -5.76 15.91 20.13
N TYR B 101 -6.80 15.33 19.54
CA TYR B 101 -8.17 15.72 19.90
C TYR B 101 -9.09 14.53 19.65
N ARG B 102 -10.40 14.75 19.79
CA ARG B 102 -11.32 13.58 19.66
C ARG B 102 -12.76 14.06 19.48
N GLY B 103 -13.60 13.23 18.86
CA GLY B 103 -15.02 13.56 18.71
C GLY B 103 -15.86 12.36 19.11
N PRO B 104 -17.21 12.45 19.19
CA PRO B 104 -18.04 11.28 19.46
C PRO B 104 -17.47 10.08 18.70
N TRP B 105 -17.43 8.91 19.34
CA TRP B 105 -16.85 7.70 18.69
C TRP B 105 -17.34 7.62 17.25
N PHE B 106 -18.64 7.81 17.03
CA PHE B 106 -19.21 7.82 15.66
C PHE B 106 -18.38 8.77 14.79
N ASN B 107 -18.20 10.01 15.25
CA ASN B 107 -17.39 11.00 14.48
C ASN B 107 -15.93 10.60 14.55
N ARG B 108 -15.32 10.73 15.73
CA ARG B 108 -13.90 10.34 15.92
C ARG B 108 -13.06 11.07 14.87
N ASP B 109 -13.26 12.39 14.74
CA ASP B 109 -12.43 13.20 13.80
C ASP B 109 -11.15 13.61 14.55
N PRO B 110 -10.01 12.91 14.36
CA PRO B 110 -8.82 13.21 15.12
C PRO B 110 -8.19 14.51 14.62
N HIS B 111 -8.12 15.55 15.47
CA HIS B 111 -7.45 16.81 15.07
C HIS B 111 -6.02 16.83 15.65
N TYR B 112 -5.00 16.76 14.79
CA TYR B 112 -3.59 16.70 15.25
C TYR B 112 -2.96 18.10 15.19
N TYR B 113 -2.12 18.46 16.17
CA TYR B 113 -1.47 19.79 16.22
C TYR B 113 0.00 19.61 16.61
N TRP B 114 0.94 20.32 15.98
CA TRP B 114 2.39 20.05 16.26
C TRP B 114 3.25 21.30 16.44
N GLY B 115 4.39 21.14 17.14
CA GLY B 115 5.36 22.24 17.38
C GLY B 115 6.66 21.60 17.85
N GLN B 116 7.76 22.35 17.86
CA GLN B 116 9.07 21.72 18.22
C GLN B 116 9.95 22.74 18.95
N GLY B 117 11.08 22.27 19.50
CA GLY B 117 11.99 23.16 20.24
C GLY B 117 12.71 22.39 21.35
N THR B 118 13.45 23.09 22.20
CA THR B 118 14.12 22.43 23.35
C THR B 118 14.98 21.26 22.85
N GLN B 119 15.91 21.52 21.91
CA GLN B 119 16.83 20.44 21.47
C GLN B 119 17.63 20.00 22.69
N VAL B 120 17.38 18.78 23.19
CA VAL B 120 18.05 18.31 24.44
C VAL B 120 19.56 18.22 24.21
N THR B 121 20.36 18.65 25.19
CA THR B 121 21.84 18.58 25.10
C THR B 121 22.26 18.48 23.62
#